data_6CO2
#
_entry.id   6CO2
#
_cell.length_a   73.689
_cell.length_b   73.689
_cell.length_c   276.448
_cell.angle_alpha   90.00
_cell.angle_beta   90.00
_cell.angle_gamma   90.00
#
_symmetry.space_group_name_H-M   'P 43 21 2'
#
loop_
_entity.id
_entity.type
_entity.pdbx_description
1 polymer 'NUDT16-Tudor-interacting (NUDT16TI)'
2 polymer 'TP53-binding protein 1'
3 water water
#
loop_
_entity_poly.entity_id
_entity_poly.type
_entity_poly.pdbx_seq_one_letter_code
_entity_poly.pdbx_strand_id
1 'polypeptide(L)'
;MAGAKRLELGEALALGSGWRHVCHALLYAPDPGMLFGRIPLRYAILMQMRFDGRLGFPGGFVDTQDRSLEDGLNRELREE
LGEAAAAFRVERTDYRSSHLTEGPHRVVAHFYAKRLTLEELLAVEAGATRAKDHGLEVLGLVRVPLYTLRDGVGGLPTFL
ENSFIGSAREQLLEALQDLGLLQSGSISGLKIPAHH
;
A,B
2 'polypeptide(L)'
;GHMNSFVGLRVVAKWSSNGYFYSGKITRDVGAGKYKLLFDDGYECDVLGKDILLCDPIPLDTEVTALSEDEYFSAGVVKG
HRKESGELYYSIEKEGQRKWYKRMAVILSLEQGNRLREQYGLG
;
C,D
#
# COMPACT_ATOMS: atom_id res chain seq x y z
N GLY A 3 24.42 12.39 -12.14
CA GLY A 3 25.30 12.23 -10.99
C GLY A 3 26.68 11.77 -11.40
N ALA A 4 26.75 10.59 -12.03
CA ALA A 4 27.99 10.13 -12.61
C ALA A 4 28.35 10.98 -13.83
N LYS A 5 29.64 11.24 -14.00
CA LYS A 5 30.08 12.19 -15.00
C LYS A 5 29.99 11.58 -16.39
N ARG A 6 29.27 12.26 -17.28
CA ARG A 6 29.14 11.82 -18.67
C ARG A 6 30.33 12.31 -19.49
N LEU A 7 30.77 11.46 -20.41
CA LEU A 7 31.87 11.83 -21.31
C LEU A 7 31.59 11.19 -22.67
N GLU A 8 32.17 11.79 -23.71
CA GLU A 8 31.95 11.31 -25.06
C GLU A 8 32.64 9.97 -25.28
N LEU A 9 32.12 9.23 -26.27
CA LEU A 9 32.66 7.91 -26.57
C LEU A 9 34.12 7.99 -26.97
N GLY A 10 34.45 8.88 -27.91
CA GLY A 10 35.84 9.08 -28.27
C GLY A 10 36.69 9.48 -27.08
N GLU A 11 36.22 10.45 -26.29
N GLU A 11 36.21 10.46 -26.30
CA GLU A 11 36.95 10.86 -25.10
CA GLU A 11 36.90 10.87 -25.09
C GLU A 11 37.21 9.67 -24.19
C GLU A 11 37.21 9.68 -24.20
N ALA A 12 36.28 8.71 -24.14
CA ALA A 12 36.49 7.53 -23.30
C ALA A 12 37.52 6.58 -23.90
N LEU A 13 37.46 6.39 -25.22
CA LEU A 13 38.40 5.49 -25.88
C LEU A 13 39.83 5.99 -25.83
N ALA A 14 40.03 7.31 -25.68
CA ALA A 14 41.37 7.88 -25.62
C ALA A 14 41.96 7.85 -24.22
N LEU A 15 41.27 7.26 -23.25
CA LEU A 15 41.77 7.25 -21.89
C LEU A 15 42.95 6.28 -21.75
N GLY A 16 43.79 6.54 -20.75
CA GLY A 16 44.94 5.71 -20.50
C GLY A 16 44.58 4.28 -20.14
N SER A 17 45.60 3.43 -20.17
CA SER A 17 45.41 2.02 -19.85
C SER A 17 44.93 1.80 -18.41
N GLY A 18 45.09 2.81 -17.55
CA GLY A 18 44.59 2.71 -16.19
C GLY A 18 43.08 2.62 -16.08
N TRP A 19 42.36 2.95 -17.15
CA TRP A 19 40.90 2.87 -17.15
C TRP A 19 40.45 1.52 -17.72
N ARG A 20 39.49 0.91 -17.04
CA ARG A 20 38.81 -0.28 -17.56
C ARG A 20 37.44 0.11 -18.09
N HIS A 21 36.93 -0.72 -19.01
CA HIS A 21 35.70 -0.44 -19.72
C HIS A 21 34.69 -1.54 -19.47
N VAL A 22 33.49 -1.17 -19.05
CA VAL A 22 32.37 -2.09 -18.91
C VAL A 22 31.28 -1.68 -19.88
N CYS A 23 30.45 -2.64 -20.26
CA CYS A 23 29.35 -2.42 -21.18
C CYS A 23 28.11 -3.12 -20.67
N HIS A 24 26.96 -2.46 -20.81
CA HIS A 24 25.68 -3.02 -20.44
C HIS A 24 24.63 -2.55 -21.43
N ALA A 25 23.62 -3.40 -21.64
CA ALA A 25 22.63 -3.16 -22.69
C ALA A 25 21.22 -3.27 -22.12
N LEU A 26 20.37 -2.30 -22.48
CA LEU A 26 18.94 -2.36 -22.19
C LEU A 26 18.25 -3.04 -23.35
N LEU A 27 17.70 -4.23 -23.11
CA LEU A 27 16.98 -4.99 -24.13
C LEU A 27 15.48 -4.73 -23.97
N TYR A 28 14.85 -4.26 -25.03
CA TYR A 28 13.42 -3.95 -24.98
C TYR A 28 12.75 -4.44 -26.25
N ALA A 29 11.47 -4.79 -26.12
CA ALA A 29 10.68 -5.29 -27.23
C ALA A 29 9.25 -4.81 -27.07
N PRO A 30 8.51 -4.64 -28.16
CA PRO A 30 7.11 -4.23 -28.03
C PRO A 30 6.24 -5.37 -27.53
N ASP A 31 5.36 -5.04 -26.58
CA ASP A 31 4.45 -6.03 -25.99
C ASP A 31 3.03 -5.49 -26.07
N PRO A 32 2.17 -6.06 -26.93
CA PRO A 32 0.77 -5.60 -26.99
C PRO A 32 -0.08 -6.08 -25.82
N GLY A 33 0.50 -6.79 -24.85
CA GLY A 33 -0.28 -7.31 -23.76
C GLY A 33 -0.93 -6.20 -22.93
N MET A 34 -1.94 -6.61 -22.16
CA MET A 34 -2.69 -5.71 -21.31
C MET A 34 -2.75 -6.30 -19.91
N LEU A 35 -2.14 -5.62 -18.95
CA LEU A 35 -2.21 -6.06 -17.56
C LEU A 35 -3.61 -5.81 -17.02
N PHE A 36 -4.27 -6.89 -16.58
CA PHE A 36 -5.65 -6.84 -16.11
C PHE A 36 -6.63 -6.48 -17.21
N GLY A 37 -6.19 -6.50 -18.47
CA GLY A 37 -7.05 -6.13 -19.58
C GLY A 37 -7.36 -4.66 -19.68
N ARG A 38 -6.67 -3.81 -18.93
N ARG A 38 -6.67 -3.81 -18.93
CA ARG A 38 -6.92 -2.38 -18.97
CA ARG A 38 -6.92 -2.38 -18.98
C ARG A 38 -5.66 -1.53 -18.85
C ARG A 38 -5.66 -1.53 -18.84
N ILE A 39 -4.49 -2.14 -18.68
CA ILE A 39 -3.24 -1.39 -18.54
C ILE A 39 -2.28 -1.83 -19.63
N PRO A 40 -2.00 -0.99 -20.64
CA PRO A 40 -1.06 -1.39 -21.69
C PRO A 40 0.35 -1.57 -21.15
N LEU A 41 0.92 -2.75 -21.39
CA LEU A 41 2.33 -2.98 -21.07
C LEU A 41 3.24 -2.20 -22.01
N ARG A 42 2.81 -1.98 -23.24
CA ARG A 42 3.60 -1.27 -24.25
C ARG A 42 4.87 -2.04 -24.59
N TYR A 43 5.97 -1.77 -23.89
CA TYR A 43 7.25 -2.43 -24.17
C TYR A 43 7.68 -3.26 -22.98
N ALA A 44 8.39 -4.34 -23.27
CA ALA A 44 8.96 -5.22 -22.25
C ALA A 44 10.46 -4.95 -22.17
N ILE A 45 10.91 -4.46 -21.01
CA ILE A 45 12.30 -4.08 -20.78
C ILE A 45 12.88 -5.03 -19.73
N LEU A 46 14.05 -5.59 -20.02
CA LEU A 46 14.66 -6.59 -19.16
C LEU A 46 15.74 -5.94 -18.30
N MET A 47 15.74 -6.27 -17.00
CA MET A 47 16.83 -6.00 -16.10
C MET A 47 17.13 -7.28 -15.33
N GLN A 48 18.10 -7.22 -14.42
CA GLN A 48 18.52 -8.41 -13.70
C GLN A 48 18.85 -8.05 -12.26
N MET A 49 18.46 -8.94 -11.35
CA MET A 49 18.85 -8.82 -9.95
C MET A 49 20.30 -9.29 -9.81
N ARG A 50 21.18 -8.37 -9.44
CA ARG A 50 22.60 -8.67 -9.36
C ARG A 50 22.94 -9.43 -8.08
N PHE A 51 24.14 -10.03 -8.09
CA PHE A 51 24.59 -10.80 -6.93
C PHE A 51 24.71 -9.93 -5.68
N ASP A 52 24.94 -8.64 -5.85
CA ASP A 52 25.05 -7.73 -4.71
C ASP A 52 23.70 -7.21 -4.24
N GLY A 53 22.60 -7.77 -4.73
CA GLY A 53 21.29 -7.34 -4.31
C GLY A 53 20.79 -6.08 -5.01
N ARG A 54 21.44 -5.65 -6.08
CA ARG A 54 21.06 -4.44 -6.80
C ARG A 54 20.51 -4.81 -8.18
N LEU A 55 19.63 -3.94 -8.68
CA LEU A 55 19.12 -4.07 -10.04
C LEU A 55 20.07 -3.41 -11.02
N GLY A 56 20.21 -4.04 -12.19
CA GLY A 56 21.06 -3.50 -13.24
C GLY A 56 20.72 -4.15 -14.56
N PHE A 57 21.45 -3.74 -15.58
CA PHE A 57 21.31 -4.30 -16.91
C PHE A 57 22.37 -5.36 -17.15
N PRO A 58 22.10 -6.31 -18.04
CA PRO A 58 23.13 -7.31 -18.37
C PRO A 58 24.31 -6.68 -19.07
N GLY A 59 25.45 -7.35 -18.94
CA GLY A 59 26.69 -6.85 -19.50
C GLY A 59 27.85 -7.27 -18.61
N GLY A 60 28.99 -6.62 -18.82
CA GLY A 60 30.17 -6.92 -18.03
C GLY A 60 31.40 -6.24 -18.60
N PHE A 61 32.55 -6.67 -18.09
CA PHE A 61 33.82 -6.05 -18.43
C PHE A 61 34.24 -6.41 -19.85
N VAL A 62 35.03 -5.50 -20.44
CA VAL A 62 35.63 -5.70 -21.76
C VAL A 62 37.10 -6.05 -21.56
N ASP A 63 37.52 -7.18 -22.12
CA ASP A 63 38.87 -7.70 -21.93
C ASP A 63 39.74 -7.38 -23.15
N THR A 64 41.02 -7.76 -23.05
CA THR A 64 41.94 -7.53 -24.17
C THR A 64 41.60 -8.41 -25.36
N GLN A 65 41.02 -9.59 -25.12
CA GLN A 65 40.63 -10.46 -26.23
C GLN A 65 39.53 -9.83 -27.06
N ASP A 66 38.73 -8.94 -26.48
CA ASP A 66 37.64 -8.31 -27.21
C ASP A 66 38.18 -7.33 -28.23
N ARG A 67 37.73 -7.46 -29.48
CA ARG A 67 38.20 -6.58 -30.55
C ARG A 67 37.61 -5.18 -30.41
N SER A 68 36.41 -5.06 -29.86
CA SER A 68 35.74 -3.77 -29.74
C SER A 68 34.82 -3.81 -28.51
N LEU A 69 34.30 -2.64 -28.16
CA LEU A 69 33.34 -2.57 -27.05
C LEU A 69 32.14 -3.47 -27.32
N GLU A 70 31.64 -3.47 -28.56
CA GLU A 70 30.47 -4.27 -28.88
C GLU A 70 30.78 -5.76 -28.78
N ASP A 71 31.99 -6.17 -29.19
CA ASP A 71 32.36 -7.57 -29.10
C ASP A 71 32.36 -8.06 -27.65
N GLY A 72 32.94 -7.28 -26.75
CA GLY A 72 32.93 -7.67 -25.34
C GLY A 72 31.53 -7.70 -24.76
N LEU A 73 30.69 -6.74 -25.16
CA LEU A 73 29.31 -6.70 -24.68
C LEU A 73 28.59 -8.00 -25.04
N ASN A 74 28.52 -8.32 -26.33
CA ASN A 74 27.80 -9.51 -26.76
C ASN A 74 28.35 -10.77 -26.09
N ARG A 75 29.66 -10.82 -25.88
CA ARG A 75 30.25 -11.95 -25.16
C ARG A 75 29.68 -12.04 -23.75
N GLU A 76 29.72 -10.93 -23.01
CA GLU A 76 29.19 -10.91 -21.65
C GLU A 76 27.70 -11.25 -21.63
N LEU A 77 26.94 -10.71 -22.59
CA LEU A 77 25.51 -11.01 -22.66
C LEU A 77 25.29 -12.51 -22.78
N ARG A 78 26.09 -13.19 -23.60
CA ARG A 78 25.96 -14.63 -23.73
C ARG A 78 26.22 -15.35 -22.41
N GLU A 79 27.13 -14.81 -21.59
CA GLU A 79 27.42 -15.45 -20.31
C GLU A 79 26.29 -15.22 -19.31
N GLU A 80 25.69 -14.04 -19.32
CA GLU A 80 24.70 -13.68 -18.31
C GLU A 80 23.28 -14.09 -18.68
N LEU A 81 22.96 -14.19 -19.98
CA LEU A 81 21.60 -14.43 -20.42
C LEU A 81 21.40 -15.78 -21.10
N GLY A 82 22.46 -16.40 -21.60
CA GLY A 82 22.36 -17.68 -22.27
C GLY A 82 22.47 -17.56 -23.77
N GLU A 83 22.29 -18.71 -24.43
CA GLU A 83 22.51 -18.80 -25.87
C GLU A 83 21.45 -18.06 -26.68
N ALA A 84 20.27 -17.83 -26.12
CA ALA A 84 19.27 -17.04 -26.82
C ALA A 84 19.78 -15.65 -27.17
N ALA A 85 20.81 -15.17 -26.47
CA ALA A 85 21.42 -13.88 -26.78
C ALA A 85 22.19 -13.91 -28.09
N ALA A 86 22.60 -15.10 -28.55
CA ALA A 86 23.30 -15.21 -29.83
C ALA A 86 22.39 -14.98 -31.03
N ALA A 87 21.07 -14.92 -30.82
CA ALA A 87 20.13 -14.70 -31.92
C ALA A 87 20.12 -13.25 -32.42
N PHE A 88 20.87 -12.37 -31.77
CA PHE A 88 20.94 -10.97 -32.17
C PHE A 88 22.33 -10.44 -31.78
N ARG A 89 22.58 -9.18 -32.12
CA ARG A 89 23.84 -8.55 -31.75
C ARG A 89 23.62 -7.07 -31.53
N VAL A 90 24.21 -6.54 -30.47
CA VAL A 90 24.22 -5.11 -30.18
C VAL A 90 25.41 -4.49 -30.92
N GLU A 91 25.14 -3.40 -31.64
CA GLU A 91 26.15 -2.76 -32.48
C GLU A 91 26.35 -1.32 -32.04
N ARG A 92 27.28 -0.64 -32.71
CA ARG A 92 27.56 0.76 -32.41
C ARG A 92 26.31 1.62 -32.58
N THR A 93 25.45 1.28 -33.54
CA THR A 93 24.22 2.05 -33.73
C THR A 93 23.34 2.03 -32.50
N ASP A 94 23.48 1.02 -31.64
CA ASP A 94 22.72 0.93 -30.41
C ASP A 94 23.37 1.68 -29.25
N TYR A 95 24.57 2.22 -29.44
CA TYR A 95 25.27 2.93 -28.37
C TYR A 95 24.47 4.15 -27.94
N ARG A 96 24.47 4.43 -26.63
CA ARG A 96 23.69 5.52 -26.06
C ARG A 96 24.55 6.58 -25.41
N SER A 97 25.44 6.20 -24.50
CA SER A 97 26.21 7.18 -23.75
C SER A 97 27.33 6.46 -22.99
N SER A 98 28.24 7.27 -22.45
CA SER A 98 29.33 6.78 -21.61
C SER A 98 29.38 7.62 -20.34
N HIS A 99 29.76 6.98 -19.23
CA HIS A 99 29.85 7.66 -17.95
C HIS A 99 31.00 7.07 -17.15
N LEU A 100 31.55 7.89 -16.25
CA LEU A 100 32.54 7.42 -15.28
C LEU A 100 31.82 6.91 -14.04
N THR A 101 32.12 5.67 -13.66
CA THR A 101 31.47 5.07 -12.50
C THR A 101 32.03 5.68 -11.21
N GLU A 102 31.21 5.64 -10.16
N GLU A 102 31.21 5.64 -10.16
CA GLU A 102 31.60 6.18 -8.86
CA GLU A 102 31.60 6.18 -8.86
C GLU A 102 32.54 5.25 -8.09
C GLU A 102 32.55 5.26 -8.10
N GLY A 103 32.74 4.02 -8.56
CA GLY A 103 33.59 3.07 -7.87
C GLY A 103 34.99 3.59 -7.68
N PRO A 104 35.73 3.02 -6.72
CA PRO A 104 37.11 3.46 -6.52
C PRO A 104 37.99 3.26 -7.74
N HIS A 105 38.01 2.05 -8.30
CA HIS A 105 38.80 1.79 -9.49
C HIS A 105 38.35 2.69 -10.64
N ARG A 106 39.27 2.93 -11.57
CA ARG A 106 39.01 3.77 -12.73
C ARG A 106 38.28 2.93 -13.78
N VAL A 107 36.97 3.14 -13.92
CA VAL A 107 36.15 2.37 -14.84
C VAL A 107 35.22 3.33 -15.56
N VAL A 108 35.06 3.12 -16.87
CA VAL A 108 34.12 3.87 -17.69
C VAL A 108 33.05 2.89 -18.18
N ALA A 109 31.79 3.29 -18.08
CA ALA A 109 30.66 2.43 -18.40
C ALA A 109 29.99 2.92 -19.67
N HIS A 110 29.77 1.99 -20.61
CA HIS A 110 29.12 2.28 -21.87
C HIS A 110 27.74 1.64 -21.88
N PHE A 111 26.72 2.44 -22.18
CA PHE A 111 25.33 2.01 -22.11
C PHE A 111 24.76 1.87 -23.51
N TYR A 112 24.08 0.75 -23.77
CA TYR A 112 23.48 0.45 -25.05
C TYR A 112 21.99 0.18 -24.89
N ALA A 113 21.24 0.37 -25.97
CA ALA A 113 19.83 0.04 -26.00
C ALA A 113 19.50 -0.54 -27.38
N LYS A 114 18.95 -1.76 -27.39
CA LYS A 114 18.61 -2.45 -28.62
C LYS A 114 17.15 -2.87 -28.62
N ARG A 115 16.48 -2.67 -29.74
CA ARG A 115 15.10 -3.10 -29.91
C ARG A 115 15.07 -4.52 -30.44
N LEU A 116 14.31 -5.39 -29.76
CA LEU A 116 14.16 -6.78 -30.16
C LEU A 116 12.69 -7.07 -30.43
N THR A 117 12.44 -8.23 -31.03
CA THR A 117 11.08 -8.73 -31.17
C THR A 117 10.65 -9.43 -29.89
N LEU A 118 9.35 -9.37 -29.61
CA LEU A 118 8.85 -9.97 -28.38
C LEU A 118 9.21 -11.44 -28.30
N GLU A 119 9.39 -12.11 -29.43
CA GLU A 119 9.80 -13.50 -29.41
C GLU A 119 11.27 -13.64 -29.00
N GLU A 120 12.13 -12.79 -29.55
CA GLU A 120 13.55 -12.82 -29.17
C GLU A 120 13.72 -12.52 -27.69
N LEU A 121 12.90 -11.62 -27.14
CA LEU A 121 13.01 -11.28 -25.72
C LEU A 121 12.56 -12.44 -24.83
N LEU A 122 11.46 -13.11 -25.22
CA LEU A 122 10.98 -14.25 -24.44
C LEU A 122 12.02 -15.36 -24.39
N ALA A 123 12.64 -15.67 -25.53
CA ALA A 123 13.66 -16.71 -25.55
C ALA A 123 14.76 -16.43 -24.55
N VAL A 124 15.18 -15.17 -24.44
CA VAL A 124 16.18 -14.79 -23.45
C VAL A 124 15.67 -15.13 -22.05
N GLU A 125 14.42 -14.76 -21.75
CA GLU A 125 13.85 -15.09 -20.45
C GLU A 125 13.75 -16.60 -20.26
N ALA A 126 13.27 -17.31 -21.28
CA ALA A 126 13.08 -18.75 -21.17
C ALA A 126 14.37 -19.46 -20.78
N GLY A 127 15.45 -19.18 -21.51
CA GLY A 127 16.72 -19.84 -21.28
C GLY A 127 17.65 -19.13 -20.32
N ALA A 128 17.17 -18.13 -19.59
CA ALA A 128 18.05 -17.39 -18.68
C ALA A 128 18.53 -18.27 -17.53
N THR A 129 17.76 -19.29 -17.16
CA THR A 129 18.13 -20.13 -16.03
C THR A 129 19.33 -21.02 -16.34
N ARG A 130 19.64 -21.24 -17.62
CA ARG A 130 20.78 -22.06 -17.99
C ARG A 130 22.07 -21.28 -18.15
N ALA A 131 22.00 -19.94 -18.10
CA ALA A 131 23.18 -19.12 -18.31
C ALA A 131 24.27 -19.46 -17.28
N LYS A 132 25.51 -19.20 -17.68
CA LYS A 132 26.64 -19.48 -16.80
C LYS A 132 26.52 -18.72 -15.48
N ASP A 133 26.03 -17.49 -15.53
CA ASP A 133 26.00 -16.63 -14.36
C ASP A 133 24.72 -16.77 -13.53
N HIS A 134 23.74 -17.55 -13.99
CA HIS A 134 22.53 -17.74 -13.21
C HIS A 134 22.86 -18.44 -11.91
N GLY A 135 22.24 -17.99 -10.82
CA GLY A 135 22.53 -18.51 -9.50
C GLY A 135 23.81 -17.97 -8.89
N LEU A 136 24.64 -17.27 -9.66
CA LEU A 136 25.88 -16.69 -9.15
C LEU A 136 25.87 -15.18 -9.33
N GLU A 137 26.31 -14.69 -10.50
CA GLU A 137 26.32 -13.26 -10.75
C GLU A 137 24.93 -12.71 -11.05
N VAL A 138 24.08 -13.51 -11.71
CA VAL A 138 22.71 -13.12 -12.02
C VAL A 138 21.77 -13.95 -11.16
N LEU A 139 21.02 -13.29 -10.29
CA LEU A 139 20.06 -13.97 -9.43
C LEU A 139 18.68 -14.11 -10.06
N GLY A 140 18.45 -13.44 -11.18
CA GLY A 140 17.18 -13.56 -11.89
C GLY A 140 16.91 -12.29 -12.68
N LEU A 141 16.06 -12.45 -13.71
CA LEU A 141 15.67 -11.34 -14.56
C LEU A 141 14.30 -10.84 -14.18
N VAL A 142 14.08 -9.54 -14.39
CA VAL A 142 12.80 -8.90 -14.13
C VAL A 142 12.48 -7.96 -15.30
N ARG A 143 11.20 -7.66 -15.45
CA ARG A 143 10.74 -6.70 -16.43
C ARG A 143 10.43 -5.37 -15.75
N VAL A 144 10.75 -4.27 -16.44
CA VAL A 144 10.51 -2.94 -15.89
C VAL A 144 9.05 -2.58 -16.13
N PRO A 145 8.25 -2.33 -15.09
CA PRO A 145 6.86 -1.90 -15.32
C PRO A 145 6.81 -0.44 -15.74
N LEU A 146 6.28 -0.19 -16.94
CA LEU A 146 6.19 1.16 -17.47
C LEU A 146 4.88 1.84 -17.12
N TYR A 147 4.02 1.18 -16.35
CA TYR A 147 2.72 1.71 -15.97
C TYR A 147 2.76 2.25 -14.54
N THR A 148 1.75 3.04 -14.20
CA THR A 148 1.57 3.54 -12.85
C THR A 148 0.13 3.22 -12.43
N LEU A 149 -0.01 2.49 -11.32
CA LEU A 149 -1.31 1.98 -10.93
C LEU A 149 -2.20 3.11 -10.39
N ARG A 150 -3.47 2.76 -10.15
CA ARG A 150 -4.46 3.75 -9.76
C ARG A 150 -4.01 4.57 -8.55
N ASP A 151 -3.31 3.93 -7.61
CA ASP A 151 -2.84 4.65 -6.43
C ASP A 151 -1.72 5.63 -6.74
N GLY A 152 -1.22 5.64 -7.98
CA GLY A 152 -0.22 6.62 -8.37
C GLY A 152 1.18 6.38 -7.83
N VAL A 153 1.42 5.22 -7.20
CA VAL A 153 2.73 4.91 -6.64
C VAL A 153 3.16 3.53 -7.13
N GLY A 154 2.20 2.61 -7.26
CA GLY A 154 2.51 1.28 -7.76
C GLY A 154 2.96 1.33 -9.20
N GLY A 155 3.79 0.35 -9.57
CA GLY A 155 4.33 0.27 -10.91
C GLY A 155 5.70 0.90 -11.03
N LEU A 156 5.91 1.68 -12.09
CA LEU A 156 7.20 2.32 -12.31
C LEU A 156 7.70 3.11 -11.12
N PRO A 157 6.90 3.95 -10.46
CA PRO A 157 7.43 4.73 -9.33
C PRO A 157 8.04 3.87 -8.24
N THR A 158 7.39 2.75 -7.89
CA THR A 158 7.93 1.87 -6.86
C THR A 158 9.11 1.05 -7.38
N PHE A 159 9.10 0.67 -8.65
CA PHE A 159 10.23 -0.05 -9.21
C PHE A 159 11.49 0.80 -9.15
N LEU A 160 11.36 2.10 -9.39
CA LEU A 160 12.50 3.01 -9.32
C LEU A 160 12.98 3.24 -7.90
N GLU A 161 12.29 2.71 -6.90
CA GLU A 161 12.73 2.81 -5.51
C GLU A 161 13.63 1.66 -5.09
N ASN A 162 13.79 0.64 -5.93
CA ASN A 162 14.68 -0.45 -5.61
C ASN A 162 16.13 0.02 -5.63
N SER A 163 17.04 -0.88 -5.24
CA SER A 163 18.46 -0.59 -5.29
C SER A 163 18.98 -0.84 -6.70
N PHE A 164 19.64 0.16 -7.27
CA PHE A 164 20.26 0.06 -8.58
C PHE A 164 21.75 0.28 -8.46
N ILE A 165 22.51 -0.36 -9.34
CA ILE A 165 23.96 -0.24 -9.35
C ILE A 165 24.34 0.97 -10.18
N GLY A 166 25.37 1.70 -9.71
CA GLY A 166 25.83 2.86 -10.45
C GLY A 166 24.70 3.83 -10.75
N SER A 167 24.61 4.25 -12.01
CA SER A 167 23.55 5.12 -12.48
C SER A 167 22.57 4.40 -13.40
N ALA A 168 22.32 3.11 -13.13
CA ALA A 168 21.40 2.35 -13.96
C ALA A 168 20.01 2.99 -13.97
N ARG A 169 19.53 3.46 -12.82
CA ARG A 169 18.24 4.12 -12.77
CA ARG A 169 18.24 4.13 -12.76
C ARG A 169 18.20 5.31 -13.72
N GLU A 170 19.25 6.14 -13.70
CA GLU A 170 19.30 7.30 -14.58
C GLU A 170 19.39 6.89 -16.03
N GLN A 171 20.21 5.88 -16.34
CA GLN A 171 20.27 5.35 -17.70
C GLN A 171 18.91 4.79 -18.12
N LEU A 172 18.21 4.14 -17.18
CA LEU A 172 16.87 3.64 -17.47
C LEU A 172 15.94 4.77 -17.91
N LEU A 173 15.81 5.80 -17.06
CA LEU A 173 14.88 6.88 -17.34
C LEU A 173 15.25 7.61 -18.62
N GLU A 174 16.55 7.80 -18.88
CA GLU A 174 16.98 8.45 -20.11
C GLU A 174 16.52 7.68 -21.34
N ALA A 175 16.55 6.34 -21.26
CA ALA A 175 16.17 5.52 -22.40
C ALA A 175 14.66 5.44 -22.58
N LEU A 176 13.90 5.58 -21.49
CA LEU A 176 12.45 5.58 -21.61
C LEU A 176 11.96 6.80 -22.37
N GLN A 177 12.60 7.96 -22.15
CA GLN A 177 12.17 9.18 -22.80
C GLN A 177 12.67 9.24 -24.25
N ASP A 178 13.98 9.11 -24.44
CA ASP A 178 14.56 9.27 -25.77
C ASP A 178 13.89 8.36 -26.79
N LEU A 179 13.54 7.15 -26.37
CA LEU A 179 12.92 6.17 -27.27
C LEU A 179 11.39 6.20 -27.23
N GLY A 180 10.80 7.10 -26.45
CA GLY A 180 9.36 7.16 -26.34
C GLY A 180 8.73 5.90 -25.80
N LEU A 181 9.51 5.04 -25.14
CA LEU A 181 8.95 3.80 -24.60
C LEU A 181 7.87 4.08 -23.57
N LEU A 182 7.94 5.20 -22.87
CA LEU A 182 6.93 5.58 -21.89
C LEU A 182 6.04 6.68 -22.43
N GLY B 3 3.93 -1.82 13.96
CA GLY B 3 4.17 -2.53 12.72
C GLY B 3 3.06 -3.49 12.35
N ALA B 4 3.44 -4.69 11.88
CA ALA B 4 2.47 -5.71 11.47
C ALA B 4 2.17 -6.61 12.67
N LYS B 5 0.90 -6.70 13.03
CA LYS B 5 0.47 -7.39 14.24
C LYS B 5 0.17 -8.85 13.93
N ARG B 6 0.80 -9.76 14.66
CA ARG B 6 0.57 -11.18 14.43
C ARG B 6 -0.51 -11.70 15.37
N LEU B 7 -1.05 -12.85 15.00
CA LEU B 7 -2.19 -13.45 15.68
C LEU B 7 -2.17 -14.95 15.38
N GLU B 8 -2.74 -15.72 16.29
CA GLU B 8 -2.81 -17.17 16.07
C GLU B 8 -3.64 -17.46 14.83
N LEU B 9 -3.38 -18.61 14.21
CA LEU B 9 -4.13 -19.02 13.03
C LEU B 9 -5.62 -19.05 13.33
N GLY B 10 -6.00 -19.71 14.42
CA GLY B 10 -7.42 -19.80 14.76
C GLY B 10 -8.07 -18.44 14.87
N GLU B 11 -7.42 -17.51 15.57
CA GLU B 11 -7.97 -16.15 15.67
C GLU B 11 -8.20 -15.55 14.29
N ALA B 12 -7.26 -15.76 13.37
CA ALA B 12 -7.44 -15.25 12.01
C ALA B 12 -8.59 -15.95 11.31
N LEU B 13 -8.74 -17.25 11.51
CA LEU B 13 -9.86 -17.98 10.94
C LEU B 13 -11.19 -17.52 11.50
N ALA B 14 -11.19 -16.93 12.70
CA ALA B 14 -12.42 -16.42 13.30
C ALA B 14 -12.81 -15.05 12.75
N LEU B 15 -11.91 -14.36 12.04
CA LEU B 15 -12.21 -13.03 11.54
C LEU B 15 -13.41 -13.06 10.60
N GLY B 16 -14.10 -11.93 10.53
CA GLY B 16 -15.30 -11.82 9.72
C GLY B 16 -15.00 -11.78 8.23
N SER B 17 -16.09 -11.77 7.45
CA SER B 17 -15.96 -11.76 5.99
C SER B 17 -15.36 -10.46 5.48
N GLY B 18 -15.40 -9.39 6.27
CA GLY B 18 -14.76 -8.15 5.85
C GLY B 18 -13.26 -8.27 5.69
N TRP B 19 -12.65 -9.30 6.27
CA TRP B 19 -11.21 -9.52 6.15
C TRP B 19 -10.93 -10.41 4.95
N ARG B 20 -9.94 -10.00 4.15
CA ARG B 20 -9.44 -10.83 3.07
C ARG B 20 -8.18 -11.56 3.51
N HIS B 21 -7.95 -12.72 2.93
CA HIS B 21 -6.83 -13.57 3.29
C HIS B 21 -5.86 -13.68 2.12
N VAL B 22 -4.57 -13.52 2.40
CA VAL B 22 -3.51 -13.76 1.43
C VAL B 22 -2.59 -14.83 1.98
N CYS B 23 -2.02 -15.61 1.09
CA CYS B 23 -1.08 -16.67 1.45
C CYS B 23 0.19 -16.50 0.63
N HIS B 24 1.33 -16.66 1.30
CA HIS B 24 2.62 -16.54 0.64
C HIS B 24 3.55 -17.62 1.17
N ALA B 25 4.32 -18.22 0.28
CA ALA B 25 5.16 -19.37 0.61
C ALA B 25 6.63 -19.01 0.43
N LEU B 26 7.45 -19.48 1.35
CA LEU B 26 8.90 -19.32 1.30
C LEU B 26 9.50 -20.65 0.82
N LEU B 27 9.78 -20.74 -0.47
CA LEU B 27 10.34 -21.95 -1.06
C LEU B 27 11.86 -21.86 -1.02
N TYR B 28 12.49 -22.79 -0.29
CA TYR B 28 13.93 -22.78 -0.13
C TYR B 28 14.48 -24.19 -0.33
N ALA B 29 15.69 -24.27 -0.85
CA ALA B 29 16.34 -25.53 -1.15
C ALA B 29 17.81 -25.46 -0.76
N PRO B 30 18.42 -26.58 -0.40
CA PRO B 30 19.86 -26.56 -0.09
C PRO B 30 20.68 -26.30 -1.35
N ASP B 31 21.55 -25.31 -1.28
CA ASP B 31 22.37 -24.89 -2.42
C ASP B 31 23.84 -25.12 -2.11
N PRO B 32 24.45 -26.21 -2.59
CA PRO B 32 25.88 -26.45 -2.30
C PRO B 32 26.82 -25.51 -3.04
N GLY B 33 26.34 -24.81 -4.07
CA GLY B 33 27.20 -23.95 -4.86
C GLY B 33 27.83 -22.83 -4.06
N MET B 34 28.67 -22.04 -4.72
CA MET B 34 29.34 -20.91 -4.08
C MET B 34 29.55 -19.81 -5.11
N LEU B 35 29.61 -18.57 -4.63
CA LEU B 35 29.84 -17.41 -5.48
C LEU B 35 31.32 -17.07 -5.45
N PHE B 36 31.95 -17.05 -6.64
CA PHE B 36 33.38 -16.77 -6.77
C PHE B 36 34.24 -17.80 -6.06
N GLY B 37 33.68 -18.97 -5.76
CA GLY B 37 34.43 -20.03 -5.13
C GLY B 37 34.83 -19.77 -3.69
N ARG B 38 34.29 -18.73 -3.06
CA ARG B 38 34.62 -18.41 -1.67
C ARG B 38 33.43 -17.96 -0.83
N ILE B 39 32.31 -17.57 -1.43
CA ILE B 39 31.13 -17.15 -0.70
C ILE B 39 30.10 -18.29 -0.78
N PRO B 40 29.74 -18.91 0.35
CA PRO B 40 28.72 -19.97 0.30
C PRO B 40 27.35 -19.40 -0.03
N LEU B 41 26.67 -20.02 -1.01
CA LEU B 41 25.29 -19.65 -1.29
C LEU B 41 24.34 -20.17 -0.22
N ARG B 42 24.69 -21.30 0.40
CA ARG B 42 23.90 -21.89 1.48
C ARG B 42 22.57 -22.44 0.99
N TYR B 43 21.59 -21.56 0.76
CA TYR B 43 20.27 -21.97 0.31
C TYR B 43 19.82 -21.10 -0.86
N ALA B 44 19.09 -21.72 -1.77
CA ALA B 44 18.43 -21.01 -2.85
C ALA B 44 17.00 -20.68 -2.41
N ILE B 45 16.68 -19.40 -2.37
CA ILE B 45 15.37 -18.92 -1.92
C ILE B 45 14.78 -18.04 -3.01
N LEU B 46 13.55 -18.35 -3.41
CA LEU B 46 12.91 -17.68 -4.53
C LEU B 46 11.98 -16.58 -4.06
N MET B 47 12.01 -15.44 -4.75
CA MET B 47 11.08 -14.36 -4.54
C MET B 47 10.68 -13.79 -5.89
N GLN B 48 9.52 -13.15 -5.92
CA GLN B 48 8.96 -12.61 -7.14
C GLN B 48 9.04 -11.09 -7.14
N MET B 49 9.36 -10.52 -8.30
CA MET B 49 9.15 -9.11 -8.55
C MET B 49 7.72 -8.95 -9.03
N ARG B 50 6.86 -8.37 -8.18
CA ARG B 50 5.45 -8.30 -8.48
C ARG B 50 5.15 -7.13 -9.42
N PHE B 51 3.97 -7.19 -10.05
CA PHE B 51 3.59 -6.21 -11.07
C PHE B 51 3.70 -4.77 -10.59
N ASP B 52 3.61 -4.54 -9.27
CA ASP B 52 3.72 -3.20 -8.73
C ASP B 52 5.16 -2.80 -8.43
N GLY B 53 6.13 -3.55 -8.91
CA GLY B 53 7.53 -3.21 -8.73
C GLY B 53 8.10 -3.55 -7.37
N ARG B 54 7.40 -4.34 -6.57
CA ARG B 54 7.85 -4.72 -5.24
C ARG B 54 8.27 -6.18 -5.22
N LEU B 55 9.22 -6.49 -4.34
CA LEU B 55 9.64 -7.86 -4.11
C LEU B 55 8.77 -8.49 -3.03
N GLY B 56 8.45 -9.77 -3.21
CA GLY B 56 7.68 -10.49 -2.22
C GLY B 56 7.76 -11.98 -2.47
N PHE B 57 7.17 -12.74 -1.57
CA PHE B 57 7.15 -14.17 -1.72
C PHE B 57 6.05 -14.60 -2.69
N PRO B 58 6.19 -15.75 -3.34
CA PRO B 58 5.11 -16.23 -4.21
C PRO B 58 3.86 -16.54 -3.41
N GLY B 59 2.73 -16.10 -3.94
CA GLY B 59 1.46 -16.25 -3.26
C GLY B 59 0.50 -15.17 -3.70
N GLY B 60 -0.68 -15.20 -3.11
CA GLY B 60 -1.71 -14.24 -3.47
C GLY B 60 -2.94 -14.37 -2.60
N PHE B 61 -4.03 -13.75 -3.08
CA PHE B 61 -5.28 -13.71 -2.33
C PHE B 61 -5.98 -15.06 -2.35
N VAL B 62 -6.81 -15.28 -1.34
CA VAL B 62 -7.64 -16.47 -1.23
C VAL B 62 -9.06 -16.07 -1.64
N ASP B 63 -9.60 -16.74 -2.64
CA ASP B 63 -10.96 -16.48 -3.09
C ASP B 63 -11.94 -17.33 -2.30
N THR B 64 -13.22 -16.92 -2.31
CA THR B 64 -14.25 -17.72 -1.67
C THR B 64 -14.42 -19.08 -2.33
N GLN B 65 -13.99 -19.21 -3.59
CA GLN B 65 -14.10 -20.49 -4.27
C GLN B 65 -13.13 -21.52 -3.69
N ASP B 66 -11.92 -21.08 -3.34
CA ASP B 66 -10.92 -22.00 -2.80
C ASP B 66 -11.45 -22.64 -1.51
N ARG B 67 -11.32 -23.96 -1.41
CA ARG B 67 -11.87 -24.70 -0.27
C ARG B 67 -11.13 -24.39 1.02
N SER B 68 -9.89 -23.92 0.95
CA SER B 68 -9.11 -23.66 2.16
C SER B 68 -7.96 -22.72 1.82
N LEU B 69 -7.27 -22.28 2.87
CA LEU B 69 -6.08 -21.46 2.70
C LEU B 69 -5.05 -22.15 1.82
N GLU B 70 -4.85 -23.45 2.03
CA GLU B 70 -3.82 -24.16 1.29
C GLU B 70 -4.22 -24.37 -0.16
N ASP B 71 -5.46 -24.77 -0.42
CA ASP B 71 -5.93 -24.89 -1.79
C ASP B 71 -5.70 -23.60 -2.57
N GLY B 72 -5.95 -22.45 -1.94
CA GLY B 72 -5.73 -21.19 -2.62
C GLY B 72 -4.26 -20.92 -2.85
N LEU B 73 -3.43 -21.15 -1.84
CA LEU B 73 -1.99 -20.96 -1.98
C LEU B 73 -1.45 -21.76 -3.16
N ASN B 74 -1.70 -23.07 -3.16
CA ASN B 74 -1.19 -23.91 -4.24
C ASN B 74 -1.73 -23.49 -5.60
N ARG B 75 -2.97 -22.99 -5.65
CA ARG B 75 -3.50 -22.46 -6.91
C ARG B 75 -2.69 -21.25 -7.35
N GLU B 76 -2.54 -20.27 -6.47
CA GLU B 76 -1.74 -19.09 -6.79
C GLU B 76 -0.32 -19.47 -7.19
N LEU B 77 0.28 -20.43 -6.47
CA LEU B 77 1.64 -20.83 -6.78
C LEU B 77 1.75 -21.43 -8.18
N ARG B 78 0.68 -22.05 -8.67
CA ARG B 78 0.70 -22.58 -10.04
C ARG B 78 0.63 -21.45 -11.07
N GLU B 79 -0.27 -20.49 -10.84
CA GLU B 79 -0.40 -19.37 -11.77
C GLU B 79 0.82 -18.46 -11.77
N GLU B 80 1.61 -18.48 -10.70
CA GLU B 80 2.79 -17.62 -10.59
C GLU B 80 4.09 -18.31 -10.97
N LEU B 81 4.22 -19.60 -10.68
CA LEU B 81 5.48 -20.32 -10.87
C LEU B 81 5.44 -21.31 -12.02
N GLY B 82 4.26 -21.67 -12.52
CA GLY B 82 4.15 -22.62 -13.62
C GLY B 82 3.82 -24.02 -13.14
N GLU B 83 3.75 -24.93 -14.11
CA GLU B 83 3.36 -26.30 -13.83
C GLU B 83 4.35 -27.02 -12.92
N ALA B 84 5.60 -26.57 -12.87
CA ALA B 84 6.59 -27.19 -12.00
C ALA B 84 6.23 -27.06 -10.53
N ALA B 85 5.29 -26.19 -10.17
CA ALA B 85 4.83 -26.05 -8.80
C ALA B 85 3.90 -27.17 -8.36
N ALA B 86 3.41 -27.99 -9.30
CA ALA B 86 2.55 -29.11 -8.96
C ALA B 86 3.32 -30.31 -8.42
N ALA B 87 4.64 -30.36 -8.68
CA ALA B 87 5.45 -31.45 -8.15
C ALA B 87 5.49 -31.46 -6.63
N PHE B 88 5.02 -30.40 -5.98
CA PHE B 88 4.95 -30.33 -4.53
C PHE B 88 3.65 -29.63 -4.15
N ARG B 89 3.36 -29.63 -2.85
CA ARG B 89 2.17 -28.96 -2.34
C ARG B 89 2.45 -28.45 -0.94
N VAL B 90 2.20 -27.15 -0.73
CA VAL B 90 2.33 -26.54 0.59
C VAL B 90 1.09 -26.88 1.40
N GLU B 91 1.28 -27.28 2.65
CA GLU B 91 0.20 -27.77 3.49
C GLU B 91 0.23 -27.06 4.83
N ARG B 92 -0.72 -27.42 5.69
CA ARG B 92 -0.83 -26.81 7.01
C ARG B 92 0.42 -27.06 7.83
N THR B 93 1.10 -28.19 7.62
CA THR B 93 2.34 -28.45 8.33
C THR B 93 3.41 -27.44 7.98
N ASP B 94 3.34 -26.85 6.79
CA ASP B 94 4.28 -25.82 6.38
C ASP B 94 3.88 -24.43 6.88
N TYR B 95 2.71 -24.29 7.50
CA TYR B 95 2.27 -22.99 8.00
C TYR B 95 3.23 -22.47 9.06
N ARG B 96 3.50 -21.16 9.02
CA ARG B 96 4.44 -20.53 9.93
C ARG B 96 3.78 -19.51 10.85
N SER B 97 3.10 -18.50 10.30
CA SER B 97 2.52 -17.46 11.13
C SER B 97 1.44 -16.74 10.35
N SER B 98 0.65 -15.94 11.08
CA SER B 98 -0.38 -15.10 10.50
C SER B 98 -0.20 -13.68 11.02
N HIS B 99 -0.40 -12.71 10.14
CA HIS B 99 -0.25 -11.30 10.51
C HIS B 99 -1.33 -10.48 9.85
N LEU B 100 -1.77 -9.44 10.56
CA LEU B 100 -2.63 -8.42 10.00
C LEU B 100 -1.75 -7.37 9.32
N THR B 101 -1.97 -7.16 8.02
CA THR B 101 -1.15 -6.23 7.28
C THR B 101 -1.45 -4.80 7.71
N GLU B 102 -0.43 -3.94 7.65
CA GLU B 102 -0.57 -2.56 8.09
C GLU B 102 -1.16 -1.65 7.03
N GLY B 103 -1.50 -2.16 5.85
CA GLY B 103 -2.11 -1.36 4.83
C GLY B 103 -3.48 -0.89 5.22
N PRO B 104 -4.08 -0.02 4.41
CA PRO B 104 -5.42 0.51 4.78
C PRO B 104 -6.51 -0.54 4.76
N HIS B 105 -6.47 -1.48 3.83
CA HIS B 105 -7.52 -2.50 3.78
C HIS B 105 -7.34 -3.53 4.88
N ARG B 106 -8.40 -4.30 5.10
CA ARG B 106 -8.40 -5.34 6.14
C ARG B 106 -7.95 -6.65 5.50
N VAL B 107 -6.67 -6.99 5.69
CA VAL B 107 -6.08 -8.18 5.10
C VAL B 107 -5.24 -8.87 6.17
N VAL B 108 -5.43 -10.19 6.29
CA VAL B 108 -4.60 -11.04 7.15
C VAL B 108 -3.73 -11.88 6.26
N ALA B 109 -2.43 -11.89 6.55
CA ALA B 109 -1.44 -12.56 5.72
C ALA B 109 -0.96 -13.83 6.42
N HIS B 110 -1.06 -14.96 5.72
CA HIS B 110 -0.62 -16.25 6.23
C HIS B 110 0.66 -16.64 5.52
N PHE B 111 1.72 -16.88 6.29
CA PHE B 111 3.04 -17.14 5.74
C PHE B 111 3.41 -18.60 5.93
N TYR B 112 3.86 -19.24 4.84
CA TYR B 112 4.27 -20.64 4.86
C TYR B 112 5.75 -20.73 4.47
N ALA B 113 6.39 -21.79 4.97
CA ALA B 113 7.77 -22.12 4.59
C ALA B 113 7.82 -23.60 4.25
N LYS B 114 8.25 -23.91 3.03
N LYS B 114 8.22 -23.92 3.02
CA LYS B 114 8.31 -25.28 2.52
CA LYS B 114 8.31 -25.29 2.55
C LYS B 114 9.71 -25.54 2.00
C LYS B 114 9.71 -25.54 2.02
N ARG B 115 10.32 -26.63 2.47
CA ARG B 115 11.65 -27.01 2.03
C ARG B 115 11.56 -27.90 0.80
N LEU B 116 12.28 -27.53 -0.25
CA LEU B 116 12.38 -28.31 -1.47
C LEU B 116 13.82 -28.77 -1.67
N THR B 117 14.03 -29.59 -2.69
CA THR B 117 15.36 -30.00 -3.07
C THR B 117 15.86 -29.12 -4.21
N LEU B 118 17.19 -28.97 -4.28
CA LEU B 118 17.79 -28.07 -5.26
C LEU B 118 17.20 -28.28 -6.65
N GLU B 119 16.97 -29.54 -7.03
CA GLU B 119 16.39 -29.81 -8.34
C GLU B 119 14.98 -29.26 -8.46
N GLU B 120 14.17 -29.42 -7.42
CA GLU B 120 12.80 -28.92 -7.45
C GLU B 120 12.76 -27.41 -7.60
N LEU B 121 13.58 -26.71 -6.81
CA LEU B 121 13.60 -25.26 -6.88
C LEU B 121 14.10 -24.77 -8.23
N LEU B 122 15.12 -25.43 -8.79
CA LEU B 122 15.60 -25.05 -10.11
C LEU B 122 14.55 -25.34 -11.18
N ALA B 123 13.68 -26.33 -10.95
CA ALA B 123 12.67 -26.68 -11.93
C ALA B 123 11.64 -25.56 -12.09
N VAL B 124 11.18 -24.97 -10.97
CA VAL B 124 10.20 -23.89 -11.07
C VAL B 124 10.83 -22.65 -11.70
N GLU B 125 12.13 -22.44 -11.48
CA GLU B 125 12.80 -21.31 -12.11
C GLU B 125 12.74 -21.42 -13.63
N ALA B 126 12.95 -22.62 -14.16
CA ALA B 126 13.04 -22.79 -15.61
C ALA B 126 11.68 -22.66 -16.29
N GLY B 127 10.60 -22.92 -15.56
CA GLY B 127 9.27 -22.94 -16.16
C GLY B 127 8.43 -21.72 -15.87
N ALA B 128 8.91 -20.85 -14.98
CA ALA B 128 8.12 -19.66 -14.62
C ALA B 128 7.87 -18.75 -15.80
N THR B 129 8.67 -18.85 -16.87
CA THR B 129 8.52 -17.96 -18.01
C THR B 129 7.25 -18.23 -18.80
N ARG B 130 6.68 -19.43 -18.69
CA ARG B 130 5.44 -19.77 -19.38
C ARG B 130 4.27 -19.94 -18.43
N ALA B 131 4.40 -19.48 -17.19
CA ALA B 131 3.27 -19.46 -16.28
C ALA B 131 2.26 -18.40 -16.70
N LYS B 132 1.02 -18.55 -16.23
CA LYS B 132 -0.04 -17.62 -16.62
C LYS B 132 0.31 -16.19 -16.24
N ASP B 133 1.02 -15.99 -15.13
CA ASP B 133 1.30 -14.66 -14.62
C ASP B 133 2.56 -14.03 -15.18
N HIS B 134 3.44 -14.81 -15.80
CA HIS B 134 4.68 -14.25 -16.32
C HIS B 134 4.39 -13.10 -17.28
N GLY B 135 5.07 -11.97 -17.06
CA GLY B 135 4.84 -10.79 -17.84
C GLY B 135 3.60 -10.01 -17.47
N LEU B 136 2.85 -10.45 -16.45
CA LEU B 136 1.67 -9.73 -16.00
C LEU B 136 1.76 -9.49 -14.50
N GLU B 137 1.26 -10.44 -13.70
CA GLU B 137 1.32 -10.27 -12.24
C GLU B 137 2.74 -10.49 -11.72
N VAL B 138 3.53 -11.31 -12.40
CA VAL B 138 4.90 -11.60 -12.01
C VAL B 138 5.82 -11.07 -13.10
N LEU B 139 6.69 -10.13 -12.74
CA LEU B 139 7.67 -9.58 -13.66
C LEU B 139 8.93 -10.43 -13.76
N GLY B 140 9.12 -11.37 -12.84
CA GLY B 140 10.28 -12.23 -12.85
C GLY B 140 10.55 -12.78 -11.47
N LEU B 141 11.41 -13.79 -11.43
CA LEU B 141 11.82 -14.42 -10.19
C LEU B 141 13.29 -14.10 -9.93
N VAL B 142 13.62 -13.94 -8.65
CA VAL B 142 14.99 -13.66 -8.23
C VAL B 142 15.32 -14.52 -7.02
N ARG B 143 16.61 -14.81 -6.86
CA ARG B 143 17.08 -15.52 -5.68
C ARG B 143 17.55 -14.52 -4.63
N VAL B 144 17.41 -14.92 -3.37
CA VAL B 144 17.77 -14.06 -2.24
C VAL B 144 19.24 -14.28 -1.93
N PRO B 145 20.09 -13.26 -1.99
CA PRO B 145 21.48 -13.43 -1.56
C PRO B 145 21.57 -13.44 -0.04
N LEU B 146 21.98 -14.58 0.52
CA LEU B 146 22.12 -14.72 1.97
C LEU B 146 23.50 -14.32 2.48
N TYR B 147 24.41 -13.94 1.59
CA TYR B 147 25.76 -13.56 1.93
C TYR B 147 25.87 -12.05 2.07
N THR B 148 26.98 -11.61 2.66
CA THR B 148 27.34 -10.21 2.75
C THR B 148 28.73 -10.03 2.19
N LEU B 149 28.87 -9.16 1.20
CA LEU B 149 30.14 -9.01 0.49
C LEU B 149 31.16 -8.30 1.38
N ARG B 150 32.39 -8.20 0.86
CA ARG B 150 33.49 -7.65 1.66
C ARG B 150 33.18 -6.24 2.16
N ASP B 151 32.57 -5.42 1.31
CA ASP B 151 32.29 -4.03 1.69
C ASP B 151 31.31 -3.91 2.85
N GLY B 152 30.66 -5.01 3.24
CA GLY B 152 29.72 -4.98 4.34
C GLY B 152 28.31 -4.59 3.98
N VAL B 153 28.09 -4.03 2.78
CA VAL B 153 26.78 -3.62 2.33
C VAL B 153 26.26 -4.51 1.20
N GLY B 154 27.15 -4.92 0.30
CA GLY B 154 26.72 -5.78 -0.79
C GLY B 154 26.17 -7.10 -0.29
N GLY B 155 25.27 -7.69 -1.08
CA GLY B 155 24.64 -8.94 -0.71
C GLY B 155 23.30 -8.73 -0.04
N LEU B 156 23.05 -9.45 1.05
CA LEU B 156 21.76 -9.37 1.72
C LEU B 156 21.44 -7.97 2.21
N PRO B 157 22.36 -7.25 2.87
CA PRO B 157 22.00 -5.90 3.35
C PRO B 157 21.45 -5.00 2.27
N THR B 158 22.08 -4.97 1.09
CA THR B 158 21.57 -4.14 0.00
C THR B 158 20.29 -4.73 -0.59
N PHE B 159 20.21 -6.06 -0.66
CA PHE B 159 18.97 -6.68 -1.13
C PHE B 159 17.79 -6.29 -0.26
N LEU B 160 18.03 -6.09 1.03
CA LEU B 160 16.98 -5.64 1.94
C LEU B 160 16.62 -4.17 1.76
N GLU B 161 17.35 -3.45 0.91
CA GLU B 161 17.06 -2.06 0.61
C GLU B 161 16.11 -1.88 -0.56
N ASN B 162 15.65 -2.97 -1.17
CA ASN B 162 14.74 -2.88 -2.30
C ASN B 162 13.31 -2.63 -1.82
N SER B 163 12.38 -2.54 -2.76
CA SER B 163 10.97 -2.34 -2.45
C SER B 163 10.31 -3.69 -2.23
N PHE B 164 9.71 -3.87 -1.05
CA PHE B 164 9.10 -5.14 -0.68
C PHE B 164 7.61 -4.95 -0.42
N ILE B 165 6.89 -6.07 -0.45
CA ILE B 165 5.45 -6.09 -0.22
C ILE B 165 5.22 -6.31 1.27
N GLY B 166 4.47 -5.41 1.90
CA GLY B 166 4.10 -5.59 3.29
C GLY B 166 5.30 -5.83 4.17
N SER B 167 5.25 -6.91 4.95
CA SER B 167 6.32 -7.27 5.88
C SER B 167 7.20 -8.38 5.31
N ALA B 168 7.45 -8.38 4.00
CA ALA B 168 8.25 -9.44 3.41
C ALA B 168 9.67 -9.42 3.94
N ARG B 169 10.24 -8.23 4.14
CA ARG B 169 11.57 -8.12 4.71
C ARG B 169 11.63 -8.77 6.09
N GLU B 170 10.77 -8.30 7.00
CA GLU B 170 10.76 -8.86 8.35
C GLU B 170 10.43 -10.34 8.33
N GLN B 171 9.46 -10.74 7.49
CA GLN B 171 9.12 -12.15 7.38
C GLN B 171 10.32 -12.96 6.88
N LEU B 172 11.04 -12.42 5.89
CA LEU B 172 12.22 -13.12 5.37
C LEU B 172 13.26 -13.31 6.47
N LEU B 173 13.62 -12.23 7.15
CA LEU B 173 14.63 -12.32 8.20
C LEU B 173 14.16 -13.23 9.33
N GLU B 174 12.90 -13.10 9.73
CA GLU B 174 12.37 -13.97 10.78
C GLU B 174 12.41 -15.43 10.36
N ALA B 175 12.14 -15.69 9.08
CA ALA B 175 12.17 -17.07 8.58
C ALA B 175 13.60 -17.59 8.52
N LEU B 176 14.55 -16.73 8.14
CA LEU B 176 15.95 -17.15 8.07
C LEU B 176 16.48 -17.52 9.45
N GLN B 177 16.14 -16.72 10.47
CA GLN B 177 16.60 -17.03 11.82
C GLN B 177 15.88 -18.26 12.36
N ASP B 178 14.54 -18.28 12.27
CA ASP B 178 13.78 -19.44 12.72
C ASP B 178 14.28 -20.71 12.03
N LEU B 179 14.26 -20.72 10.70
CA LEU B 179 14.75 -21.88 9.95
C LEU B 179 16.21 -22.17 10.23
N GLY B 180 16.96 -21.20 10.76
CA GLY B 180 18.36 -21.41 11.05
C GLY B 180 19.22 -21.57 9.81
N LEU B 181 18.93 -20.81 8.76
CA LEU B 181 19.68 -20.88 7.52
C LEU B 181 20.83 -19.88 7.46
N LEU B 182 21.13 -19.21 8.57
CA LEU B 182 22.22 -18.23 8.61
C LEU B 182 23.28 -18.65 9.63
N SER C 5 -19.45 4.74 32.23
CA SER C 5 -18.26 4.07 31.72
C SER C 5 -18.19 4.17 30.20
N PHE C 6 -17.04 3.81 29.64
CA PHE C 6 -16.87 3.83 28.19
C PHE C 6 -17.42 2.58 27.51
N VAL C 7 -17.86 1.59 28.28
CA VAL C 7 -18.36 0.35 27.68
C VAL C 7 -19.54 0.66 26.78
N GLY C 8 -19.54 0.06 25.59
CA GLY C 8 -20.61 0.22 24.64
C GLY C 8 -20.47 1.40 23.70
N LEU C 9 -19.65 2.38 24.04
CA LEU C 9 -19.51 3.57 23.22
C LEU C 9 -18.76 3.26 21.94
N ARG C 10 -19.15 3.93 20.86
CA ARG C 10 -18.48 3.78 19.58
C ARG C 10 -17.22 4.62 19.55
N VAL C 11 -16.18 4.10 18.90
CA VAL C 11 -14.87 4.72 18.86
C VAL C 11 -14.24 4.43 17.51
N VAL C 12 -13.13 5.12 17.24
CA VAL C 12 -12.27 4.84 16.10
C VAL C 12 -10.86 4.68 16.63
N ALA C 13 -10.27 3.50 16.42
CA ALA C 13 -9.02 3.15 17.07
C ALA C 13 -8.15 2.35 16.13
N LYS C 14 -6.84 2.42 16.36
CA LYS C 14 -5.86 1.64 15.60
C LYS C 14 -5.30 0.54 16.50
N TRP C 15 -5.33 -0.69 16.00
CA TRP C 15 -4.78 -1.83 16.72
C TRP C 15 -3.30 -2.01 16.47
N SER C 16 -2.68 -1.13 15.68
CA SER C 16 -1.24 -1.11 15.46
C SER C 16 -0.70 0.24 15.88
N SER C 17 0.55 0.25 16.34
CA SER C 17 1.13 1.47 16.89
C SER C 17 1.05 2.61 15.88
N ASN C 18 1.37 2.34 14.62
CA ASN C 18 1.39 3.36 13.57
C ASN C 18 0.49 2.95 12.41
N GLY C 19 -0.63 2.31 12.72
CA GLY C 19 -1.57 1.87 11.71
C GLY C 19 -2.73 2.84 11.54
N TYR C 20 -3.74 2.38 10.81
CA TYR C 20 -4.95 3.14 10.57
C TYR C 20 -5.93 2.95 11.73
N PHE C 21 -6.79 3.94 11.91
CA PHE C 21 -7.88 3.87 12.88
C PHE C 21 -9.09 3.24 12.21
N TYR C 22 -9.69 2.25 12.86
CA TYR C 22 -10.87 1.55 12.36
C TYR C 22 -12.02 1.69 13.34
N SER C 23 -13.24 1.67 12.82
CA SER C 23 -14.42 1.85 13.64
C SER C 23 -14.69 0.61 14.50
N GLY C 24 -15.20 0.85 15.71
CA GLY C 24 -15.48 -0.24 16.61
C GLY C 24 -16.14 0.28 17.87
N LYS C 25 -16.27 -0.62 18.85
CA LYS C 25 -16.85 -0.28 20.13
C LYS C 25 -15.94 -0.78 21.25
N ILE C 26 -15.98 -0.07 22.38
CA ILE C 26 -15.30 -0.51 23.59
C ILE C 26 -16.17 -1.56 24.26
N THR C 27 -15.60 -2.75 24.48
CA THR C 27 -16.34 -3.83 25.11
C THR C 27 -16.06 -3.98 26.60
N ARG C 28 -14.95 -3.43 27.10
CA ARG C 28 -14.62 -3.59 28.51
C ARG C 28 -13.44 -2.70 28.86
N ASP C 29 -13.43 -2.26 30.11
CA ASP C 29 -12.30 -1.53 30.69
C ASP C 29 -11.49 -2.54 31.50
N VAL C 30 -10.39 -3.02 30.92
CA VAL C 30 -9.60 -4.09 31.52
C VAL C 30 -8.44 -3.54 32.35
N GLY C 31 -8.46 -2.25 32.66
CA GLY C 31 -7.46 -1.67 33.56
C GLY C 31 -6.16 -1.34 32.84
N ALA C 32 -5.25 -0.74 33.61
CA ALA C 32 -3.93 -0.35 33.11
C ALA C 32 -4.04 0.59 31.91
N GLY C 33 -5.14 1.32 31.81
CA GLY C 33 -5.34 2.22 30.70
C GLY C 33 -5.56 1.53 29.37
N LYS C 34 -5.97 0.28 29.39
CA LYS C 34 -6.25 -0.49 28.17
C LYS C 34 -7.74 -0.80 28.09
N TYR C 35 -8.25 -0.84 26.86
CA TYR C 35 -9.66 -1.07 26.61
C TYR C 35 -9.82 -2.12 25.52
N LYS C 36 -10.58 -3.16 25.81
CA LYS C 36 -10.88 -4.19 24.82
C LYS C 36 -11.85 -3.63 23.79
N LEU C 37 -11.44 -3.63 22.52
CA LEU C 37 -12.26 -3.11 21.44
C LEU C 37 -12.77 -4.27 20.59
N LEU C 38 -14.05 -4.23 20.26
CA LEU C 38 -14.62 -5.06 19.20
C LEU C 38 -14.78 -4.18 17.97
N PHE C 39 -13.87 -4.34 17.02
CA PHE C 39 -13.98 -3.61 15.76
C PHE C 39 -15.17 -4.15 14.97
N ASP C 40 -15.78 -3.26 14.18
CA ASP C 40 -16.94 -3.65 13.39
C ASP C 40 -16.63 -4.80 12.44
N ASP C 41 -15.37 -4.99 12.08
CA ASP C 41 -14.99 -6.08 11.19
C ASP C 41 -14.86 -7.42 11.89
N GLY C 42 -15.14 -7.49 13.20
CA GLY C 42 -15.09 -8.73 13.94
C GLY C 42 -13.80 -8.94 14.72
N TYR C 43 -12.75 -8.17 14.43
CA TYR C 43 -11.51 -8.30 15.19
C TYR C 43 -11.66 -7.68 16.57
N GLU C 44 -11.00 -8.29 17.54
CA GLU C 44 -11.11 -7.87 18.93
C GLU C 44 -9.76 -7.99 19.62
N CYS C 45 -9.33 -6.92 20.27
CA CYS C 45 -8.05 -6.93 20.98
C CYS C 45 -8.03 -5.77 21.96
N ASP C 46 -7.05 -5.79 22.86
CA ASP C 46 -6.87 -4.72 23.84
C ASP C 46 -6.07 -3.58 23.22
N VAL C 47 -6.59 -2.36 23.34
CA VAL C 47 -5.99 -1.18 22.74
C VAL C 47 -5.82 -0.12 23.80
N LEU C 48 -4.72 0.62 23.73
CA LEU C 48 -4.46 1.70 24.67
C LEU C 48 -5.41 2.86 24.42
N GLY C 49 -5.68 3.63 25.48
CA GLY C 49 -6.52 4.80 25.34
C GLY C 49 -5.96 5.82 24.37
N LYS C 50 -4.64 5.89 24.26
CA LYS C 50 -4.01 6.82 23.34
C LYS C 50 -4.33 6.50 21.88
N ASP C 51 -4.64 5.24 21.58
CA ASP C 51 -4.95 4.83 20.22
C ASP C 51 -6.45 4.78 19.95
N ILE C 52 -7.27 5.34 20.83
CA ILE C 52 -8.73 5.30 20.71
C ILE C 52 -9.23 6.74 20.57
N LEU C 53 -10.04 6.98 19.55
CA LEU C 53 -10.69 8.26 19.33
C LEU C 53 -12.17 8.11 19.69
N LEU C 54 -12.59 8.76 20.78
CA LEU C 54 -13.99 8.73 21.20
C LEU C 54 -14.75 9.72 20.32
N CYS C 55 -15.12 9.23 19.13
CA CYS C 55 -15.53 10.11 18.05
C CYS C 55 -16.51 9.35 17.16
N ASP C 56 -17.80 9.56 17.37
CA ASP C 56 -18.83 8.88 16.58
C ASP C 56 -20.09 9.72 16.49
N PRO C 57 -20.56 10.06 15.28
CA PRO C 57 -19.95 9.71 13.99
C PRO C 57 -18.69 10.53 13.74
N ILE C 58 -17.89 10.14 12.75
CA ILE C 58 -16.74 10.94 12.34
C ILE C 58 -17.30 12.27 11.86
N PRO C 59 -16.93 13.40 12.49
CA PRO C 59 -17.64 14.64 12.20
C PRO C 59 -17.42 15.14 10.79
N LEU C 60 -18.33 15.99 10.35
CA LEU C 60 -18.25 16.58 9.02
C LEU C 60 -16.97 17.38 8.88
N ASP C 61 -16.51 17.52 7.64
CA ASP C 61 -15.28 18.23 7.27
C ASP C 61 -14.03 17.53 7.76
N THR C 62 -14.13 16.30 8.26
CA THR C 62 -12.96 15.53 8.62
C THR C 62 -12.36 14.89 7.39
N GLU C 63 -11.04 14.97 7.27
CA GLU C 63 -10.35 14.29 6.18
C GLU C 63 -10.20 12.81 6.54
N VAL C 64 -10.78 11.93 5.72
CA VAL C 64 -10.81 10.51 6.00
C VAL C 64 -10.24 9.75 4.81
N THR C 65 -10.04 8.45 5.01
CA THR C 65 -9.61 7.53 3.98
C THR C 65 -10.78 6.62 3.65
N ALA C 66 -11.27 6.70 2.41
CA ALA C 66 -12.44 5.94 1.98
C ALA C 66 -12.00 4.70 1.23
N LEU C 67 -12.51 3.54 1.63
CA LEU C 67 -12.15 2.27 1.04
C LEU C 67 -13.18 1.89 -0.03
N SER C 68 -12.70 1.52 -1.20
CA SER C 68 -13.54 0.98 -2.26
C SER C 68 -13.48 -0.54 -2.21
N GLU C 69 -14.42 -1.17 -2.92
CA GLU C 69 -14.27 -2.59 -3.20
C GLU C 69 -13.01 -2.78 -4.06
N ASP C 70 -12.64 -4.05 -4.27
CA ASP C 70 -11.33 -4.33 -4.82
C ASP C 70 -10.27 -3.90 -3.82
N GLU C 71 -9.20 -3.24 -4.26
CA GLU C 71 -8.12 -2.84 -3.37
C GLU C 71 -7.86 -1.34 -3.40
N TYR C 72 -8.80 -0.55 -3.92
CA TYR C 72 -8.58 0.87 -4.07
C TYR C 72 -9.00 1.61 -2.79
N PHE C 73 -8.30 2.72 -2.53
CA PHE C 73 -8.60 3.59 -1.40
C PHE C 73 -8.17 5.00 -1.77
N SER C 74 -8.79 5.98 -1.13
CA SER C 74 -8.49 7.38 -1.43
C SER C 74 -8.86 8.25 -0.24
N ALA C 75 -8.20 9.41 -0.17
CA ALA C 75 -8.53 10.41 0.84
C ALA C 75 -9.72 11.24 0.38
N GLY C 76 -10.56 11.62 1.33
CA GLY C 76 -11.71 12.45 1.06
C GLY C 76 -12.12 13.17 2.33
N VAL C 77 -13.18 13.97 2.21
CA VAL C 77 -13.70 14.75 3.32
C VAL C 77 -15.15 14.36 3.58
N VAL C 78 -15.50 14.21 4.85
CA VAL C 78 -16.86 13.86 5.23
C VAL C 78 -17.75 15.06 5.01
N LYS C 79 -18.80 14.89 4.19
CA LYS C 79 -19.74 15.96 3.92
C LYS C 79 -21.17 15.59 4.31
N GLY C 80 -21.42 14.36 4.74
CA GLY C 80 -22.77 13.97 5.10
C GLY C 80 -22.80 12.73 5.94
N HIS C 81 -23.82 12.62 6.78
CA HIS C 81 -24.14 11.41 7.50
C HIS C 81 -25.55 10.98 7.12
N ARG C 82 -25.76 9.67 7.02
CA ARG C 82 -27.08 9.11 6.77
C ARG C 82 -27.23 7.82 7.55
N LYS C 83 -28.24 7.74 8.40
CA LYS C 83 -28.52 6.56 9.20
C LYS C 83 -29.81 5.95 8.69
N GLU C 84 -29.70 4.82 8.00
CA GLU C 84 -30.85 4.10 7.46
C GLU C 84 -30.81 2.67 7.99
N SER C 85 -31.80 2.31 8.79
CA SER C 85 -31.95 0.96 9.34
C SER C 85 -30.82 0.64 10.32
N GLY C 86 -30.48 1.63 11.15
CA GLY C 86 -29.48 1.41 12.19
C GLY C 86 -28.06 1.63 11.69
N GLU C 87 -27.78 1.23 10.47
CA GLU C 87 -26.44 1.39 9.91
C GLU C 87 -26.16 2.85 9.61
N LEU C 88 -24.88 3.22 9.67
CA LEU C 88 -24.43 4.58 9.40
C LEU C 88 -23.73 4.63 8.05
N TYR C 89 -24.06 5.64 7.26
CA TYR C 89 -23.45 5.85 5.95
C TYR C 89 -22.82 7.25 5.92
N TYR C 90 -21.61 7.32 5.38
CA TYR C 90 -20.89 8.58 5.23
C TYR C 90 -20.93 9.03 3.78
N SER C 91 -21.08 10.35 3.58
CA SER C 91 -20.99 10.96 2.26
C SER C 91 -19.62 11.62 2.17
N ILE C 92 -18.76 11.10 1.29
CA ILE C 92 -17.38 11.54 1.16
C ILE C 92 -17.25 12.35 -0.13
N GLU C 93 -16.70 13.56 -0.01
CA GLU C 93 -16.47 14.42 -1.15
C GLU C 93 -15.02 14.29 -1.61
N LYS C 94 -14.84 14.12 -2.92
CA LYS C 94 -13.51 13.95 -3.51
C LYS C 94 -13.53 14.57 -4.89
N GLU C 95 -12.70 15.60 -5.10
CA GLU C 95 -12.62 16.29 -6.38
C GLU C 95 -13.99 16.81 -6.80
N GLY C 96 -14.66 17.48 -5.87
CA GLY C 96 -15.97 18.06 -6.14
C GLY C 96 -17.08 17.06 -6.37
N GLN C 97 -16.86 15.79 -6.07
CA GLN C 97 -17.87 14.75 -6.26
C GLN C 97 -18.04 13.98 -4.96
N ARG C 98 -19.28 13.64 -4.64
CA ARG C 98 -19.62 12.97 -3.39
C ARG C 98 -20.07 11.54 -3.66
N LYS C 99 -19.67 10.63 -2.77
CA LYS C 99 -20.01 9.22 -2.88
C LYS C 99 -20.26 8.67 -1.48
N TRP C 100 -21.14 7.67 -1.41
CA TRP C 100 -21.54 7.08 -0.13
C TRP C 100 -20.65 5.90 0.22
N TYR C 101 -20.35 5.76 1.51
CA TYR C 101 -19.57 4.65 2.03
C TYR C 101 -20.18 4.16 3.33
N LYS C 102 -20.15 2.85 3.52
CA LYS C 102 -20.54 2.27 4.80
C LYS C 102 -19.54 2.62 5.88
N ARG C 103 -19.95 2.42 7.14
CA ARG C 103 -19.09 2.76 8.27
C ARG C 103 -17.74 2.08 8.16
N MET C 104 -17.72 0.78 7.83
CA MET C 104 -16.46 0.06 7.82
C MET C 104 -15.55 0.47 6.66
N ALA C 105 -16.09 1.10 5.63
CA ALA C 105 -15.29 1.56 4.50
C ALA C 105 -14.72 2.95 4.73
N VAL C 106 -14.85 3.49 5.94
CA VAL C 106 -14.33 4.81 6.29
C VAL C 106 -13.36 4.62 7.44
N ILE C 107 -12.08 4.89 7.19
CA ILE C 107 -11.02 4.75 8.18
C ILE C 107 -10.21 6.05 8.21
N LEU C 108 -9.27 6.11 9.14
CA LEU C 108 -8.38 7.26 9.28
C LEU C 108 -6.94 6.79 9.19
N SER C 109 -6.13 7.53 8.43
CA SER C 109 -4.70 7.27 8.45
C SER C 109 -4.11 7.77 9.77
N LEU C 110 -2.86 7.39 10.01
CA LEU C 110 -2.19 7.84 11.23
C LEU C 110 -2.26 9.36 11.36
N GLU C 111 -1.98 10.07 10.28
CA GLU C 111 -2.07 11.52 10.29
C GLU C 111 -3.52 11.98 10.52
N GLN C 112 -4.42 11.52 9.66
CA GLN C 112 -5.81 11.96 9.74
C GLN C 112 -6.38 11.74 11.14
N GLY C 113 -6.02 10.64 11.79
CA GLY C 113 -6.50 10.39 13.14
C GLY C 113 -5.76 11.16 14.21
N ASN C 114 -4.48 11.44 13.99
CA ASN C 114 -3.73 12.23 14.96
C ASN C 114 -4.29 13.63 15.10
N ARG C 115 -4.92 14.15 14.04
CA ARG C 115 -5.49 15.49 14.11
C ARG C 115 -6.62 15.58 15.13
N LEU C 116 -7.21 14.45 15.51
CA LEU C 116 -8.38 14.43 16.38
C LEU C 116 -8.08 13.95 17.79
N ARG C 117 -6.84 13.58 18.09
N ARG C 117 -6.83 13.59 18.10
CA ARG C 117 -6.51 13.08 19.43
CA ARG C 117 -6.52 13.08 19.42
C ARG C 117 -6.84 14.11 20.50
C ARG C 117 -6.83 14.11 20.50
N GLU C 118 -6.55 15.38 20.24
CA GLU C 118 -6.78 16.41 21.25
C GLU C 118 -8.26 16.50 21.61
N GLN C 119 -9.13 16.54 20.60
CA GLN C 119 -10.54 16.76 20.84
C GLN C 119 -11.30 15.47 21.19
N TYR C 120 -10.77 14.31 20.83
CA TYR C 120 -11.49 13.05 21.03
C TYR C 120 -10.66 11.93 21.62
N GLY C 121 -9.33 12.03 21.61
CA GLY C 121 -8.52 10.95 22.12
C GLY C 121 -8.74 10.71 23.60
N LEU C 122 -8.44 9.48 24.02
CA LEU C 122 -8.56 9.09 25.42
C LEU C 122 -7.19 9.05 26.07
N PHE D 6 -14.58 29.03 23.64
CA PHE D 6 -16.01 28.95 23.33
C PHE D 6 -16.43 29.96 22.28
N VAL D 7 -15.67 31.06 22.16
CA VAL D 7 -15.99 32.07 21.16
C VAL D 7 -15.92 31.43 19.78
N GLY D 8 -16.98 31.63 18.99
CA GLY D 8 -17.03 31.10 17.64
C GLY D 8 -17.52 29.68 17.53
N LEU D 9 -17.98 29.07 18.63
CA LEU D 9 -18.47 27.70 18.63
C LEU D 9 -19.98 27.69 18.47
N ARG D 10 -20.47 26.84 17.58
CA ARG D 10 -21.90 26.75 17.34
C ARG D 10 -22.60 26.08 18.52
N VAL D 11 -23.78 26.56 18.85
CA VAL D 11 -24.58 26.05 19.96
C VAL D 11 -26.05 26.08 19.55
N VAL D 12 -26.89 25.54 20.43
CA VAL D 12 -28.35 25.65 20.31
C VAL D 12 -28.86 26.09 21.68
N ALA D 13 -29.52 27.25 21.72
CA ALA D 13 -29.88 27.86 22.99
C ALA D 13 -31.22 28.57 22.86
N LYS D 14 -31.85 28.79 24.01
CA LYS D 14 -33.14 29.47 24.07
C LYS D 14 -32.95 30.85 24.71
N TRP D 15 -33.72 31.82 24.23
CA TRP D 15 -33.63 33.19 24.73
C TRP D 15 -34.71 33.54 25.75
N SER D 16 -35.77 32.75 25.84
CA SER D 16 -36.82 32.98 26.83
C SER D 16 -36.68 32.01 27.98
N SER D 17 -37.38 32.31 29.08
CA SER D 17 -37.25 31.50 30.29
C SER D 17 -37.48 30.02 30.00
N ASN D 18 -38.45 29.71 29.15
CA ASN D 18 -38.77 28.32 28.81
C ASN D 18 -39.33 28.26 27.40
N GLY D 19 -38.55 28.73 26.42
CA GLY D 19 -38.91 28.66 25.03
C GLY D 19 -38.15 27.57 24.30
N TYR D 20 -38.12 27.68 22.97
CA TYR D 20 -37.40 26.73 22.15
C TYR D 20 -35.91 27.07 22.12
N PHE D 21 -35.10 26.06 21.83
CA PHE D 21 -33.68 26.26 21.58
C PHE D 21 -33.46 26.54 20.10
N TYR D 22 -32.72 27.60 19.80
CA TYR D 22 -32.41 27.99 18.44
C TYR D 22 -30.91 27.95 18.22
N SER D 23 -30.52 27.85 16.95
CA SER D 23 -29.11 27.68 16.60
C SER D 23 -28.39 29.02 16.56
N GLY D 24 -27.13 29.01 16.98
CA GLY D 24 -26.33 30.22 16.97
C GLY D 24 -24.90 29.92 17.36
N LYS D 25 -24.16 30.99 17.63
CA LYS D 25 -22.77 30.89 18.03
C LYS D 25 -22.52 31.75 19.27
N ILE D 26 -21.51 31.36 20.03
CA ILE D 26 -21.06 32.14 21.19
C ILE D 26 -20.14 33.25 20.70
N THR D 27 -20.57 34.50 20.85
CA THR D 27 -19.78 35.64 20.43
C THR D 27 -18.76 36.08 21.47
N ARG D 28 -19.06 35.91 22.76
CA ARG D 28 -18.12 36.29 23.81
C ARG D 28 -18.51 35.55 25.09
N ASP D 29 -17.52 35.38 25.95
CA ASP D 29 -17.72 34.73 27.25
C ASP D 29 -17.92 35.81 28.29
N VAL D 30 -19.20 36.09 28.61
CA VAL D 30 -19.52 37.14 29.57
C VAL D 30 -19.00 36.85 30.97
N GLY D 31 -18.53 35.64 31.23
CA GLY D 31 -17.94 35.30 32.52
C GLY D 31 -18.94 34.86 33.55
N ALA D 32 -18.59 33.83 34.31
CA ALA D 32 -19.42 33.33 35.41
C ALA D 32 -20.74 32.74 34.90
N GLY D 33 -20.65 31.84 33.94
CA GLY D 33 -21.82 31.19 33.39
C GLY D 33 -22.69 32.08 32.51
N LYS D 34 -22.21 33.26 32.15
CA LYS D 34 -22.93 34.18 31.28
C LYS D 34 -22.27 34.21 29.91
N TYR D 35 -23.07 33.98 28.86
CA TYR D 35 -22.57 33.94 27.49
C TYR D 35 -23.40 34.86 26.61
N LYS D 36 -22.73 35.51 25.66
CA LYS D 36 -23.38 36.34 24.67
C LYS D 36 -23.45 35.54 23.37
N LEU D 37 -24.66 35.41 22.83
CA LEU D 37 -24.90 34.56 21.65
C LEU D 37 -25.43 35.40 20.50
N LEU D 38 -24.97 35.08 19.30
CA LEU D 38 -25.54 35.59 18.06
C LEU D 38 -26.23 34.43 17.37
N PHE D 39 -27.56 34.47 17.30
CA PHE D 39 -28.31 33.40 16.67
C PHE D 39 -28.27 33.53 15.15
N ASP D 40 -28.32 32.39 14.47
CA ASP D 40 -28.29 32.37 13.01
C ASP D 40 -29.36 33.26 12.40
N ASP D 41 -30.44 33.54 13.14
CA ASP D 41 -31.49 34.43 12.66
C ASP D 41 -31.13 35.91 12.78
N GLY D 42 -30.03 36.23 13.44
CA GLY D 42 -29.58 37.61 13.56
C GLY D 42 -29.81 38.23 14.92
N TYR D 43 -30.45 37.54 15.84
CA TYR D 43 -30.75 38.10 17.16
C TYR D 43 -29.60 37.83 18.12
N GLU D 44 -29.25 38.85 18.89
CA GLU D 44 -28.18 38.77 19.89
C GLU D 44 -28.76 39.01 21.28
N CYS D 45 -28.23 38.28 22.25
CA CYS D 45 -28.61 38.47 23.65
C CYS D 45 -27.69 37.61 24.52
N ASP D 46 -27.65 37.94 25.80
CA ASP D 46 -26.90 37.17 26.77
C ASP D 46 -27.76 36.03 27.31
N VAL D 47 -27.17 34.84 27.39
CA VAL D 47 -27.87 33.65 27.84
C VAL D 47 -27.04 32.96 28.91
N LEU D 48 -27.73 32.31 29.83
CA LEU D 48 -27.07 31.59 30.92
C LEU D 48 -26.62 30.21 30.45
N GLY D 49 -25.50 29.75 31.01
CA GLY D 49 -24.93 28.49 30.59
C GLY D 49 -25.90 27.34 30.63
N LYS D 50 -26.83 27.35 31.60
CA LYS D 50 -27.76 26.23 31.73
C LYS D 50 -28.77 26.16 30.61
N ASP D 51 -28.98 27.26 29.87
CA ASP D 51 -29.88 27.28 28.73
C ASP D 51 -29.15 27.10 27.40
N ILE D 52 -27.86 26.78 27.43
CA ILE D 52 -27.06 26.61 26.24
C ILE D 52 -26.73 25.13 26.07
N LEU D 53 -26.82 24.66 24.84
CA LEU D 53 -26.47 23.28 24.48
C LEU D 53 -25.29 23.35 23.53
N LEU D 54 -24.07 23.20 24.04
CA LEU D 54 -22.90 23.15 23.15
C LEU D 54 -22.97 21.86 22.34
N CYS D 55 -23.65 21.91 21.20
CA CYS D 55 -24.07 20.71 20.49
C CYS D 55 -24.23 21.06 19.02
N ASP D 56 -23.28 20.62 18.20
CA ASP D 56 -23.36 20.91 16.77
C ASP D 56 -22.59 19.87 15.96
N PRO D 57 -23.21 19.23 14.95
CA PRO D 57 -24.62 19.37 14.59
C PRO D 57 -25.52 18.61 15.57
N ILE D 58 -26.81 18.94 15.58
CA ILE D 58 -27.77 18.19 16.39
C ILE D 58 -27.61 16.71 16.03
N PRO D 59 -27.26 15.83 16.96
CA PRO D 59 -26.84 14.49 16.57
C PRO D 59 -27.97 13.67 15.99
N LEU D 60 -27.59 12.61 15.28
CA LEU D 60 -28.56 11.74 14.65
C LEU D 60 -29.45 11.09 15.69
N ASP D 61 -30.67 10.73 15.28
CA ASP D 61 -31.68 10.10 16.12
C ASP D 61 -32.17 11.03 17.23
N THR D 62 -31.99 12.35 17.09
CA THR D 62 -32.54 13.30 18.03
C THR D 62 -33.94 13.70 17.62
N GLU D 63 -34.86 13.74 18.58
CA GLU D 63 -36.19 14.26 18.33
C GLU D 63 -36.14 15.79 18.33
N VAL D 64 -36.49 16.39 17.20
CA VAL D 64 -36.40 17.83 17.02
C VAL D 64 -37.75 18.36 16.57
N THR D 65 -37.84 19.68 16.49
CA THR D 65 -39.00 20.37 15.95
C THR D 65 -38.59 21.03 14.65
N ALA D 66 -39.25 20.67 13.56
CA ALA D 66 -38.96 21.20 12.23
C ALA D 66 -40.01 22.24 11.86
N LEU D 67 -39.57 23.26 11.13
CA LEU D 67 -40.43 24.35 10.67
C LEU D 67 -40.55 24.30 9.15
N SER D 68 -41.77 24.49 8.67
CA SER D 68 -42.03 24.59 7.23
C SER D 68 -42.26 26.05 6.84
N GLU D 69 -42.19 26.31 5.54
CA GLU D 69 -42.33 27.68 5.05
C GLU D 69 -43.76 28.20 5.15
N ASP D 70 -44.76 27.31 5.29
CA ASP D 70 -46.16 27.68 5.26
C ASP D 70 -46.78 27.81 6.66
N GLU D 71 -45.98 28.20 7.64
CA GLU D 71 -46.40 28.48 9.02
C GLU D 71 -46.57 27.20 9.84
N TYR D 72 -46.45 26.02 9.25
CA TYR D 72 -46.62 24.78 10.00
C TYR D 72 -45.33 24.40 10.72
N PHE D 73 -45.47 23.53 11.71
CA PHE D 73 -44.32 22.96 12.41
C PHE D 73 -44.72 21.60 12.96
N SER D 74 -43.73 20.75 13.17
CA SER D 74 -43.99 19.38 13.57
C SER D 74 -42.73 18.76 14.13
N ALA D 75 -42.90 17.68 14.90
CA ALA D 75 -41.79 16.93 15.45
C ALA D 75 -41.23 15.96 14.42
N GLY D 76 -39.98 15.56 14.63
CA GLY D 76 -39.32 14.63 13.73
C GLY D 76 -38.03 14.15 14.35
N VAL D 77 -37.39 13.22 13.64
CA VAL D 77 -36.15 12.59 14.10
C VAL D 77 -35.06 12.88 13.08
N VAL D 78 -33.91 13.37 13.55
CA VAL D 78 -32.78 13.63 12.68
C VAL D 78 -32.19 12.29 12.24
N LYS D 79 -32.13 12.07 10.92
CA LYS D 79 -31.57 10.84 10.37
C LYS D 79 -30.42 11.09 9.40
N GLY D 80 -30.11 12.36 9.10
CA GLY D 80 -29.04 12.65 8.18
C GLY D 80 -28.55 14.07 8.31
N HIS D 81 -27.26 14.26 8.04
CA HIS D 81 -26.64 15.57 7.93
C HIS D 81 -26.05 15.72 6.53
N ARG D 82 -26.20 16.90 5.96
CA ARG D 82 -25.62 17.21 4.65
C ARG D 82 -25.05 18.62 4.71
N LYS D 83 -23.73 18.72 4.63
CA LYS D 83 -23.06 20.01 4.66
C LYS D 83 -22.95 20.55 3.23
N GLU D 84 -23.29 21.81 3.06
CA GLU D 84 -23.09 22.53 1.82
C GLU D 84 -22.36 23.84 2.12
N SER D 85 -21.81 24.45 1.07
CA SER D 85 -21.09 25.71 1.23
C SER D 85 -21.99 26.75 1.89
N GLY D 86 -21.71 27.12 3.13
CA GLY D 86 -22.45 28.17 3.80
C GLY D 86 -23.74 27.75 4.46
N GLU D 87 -24.02 26.45 4.55
CA GLU D 87 -25.28 26.01 5.15
C GLU D 87 -25.19 24.53 5.49
N LEU D 88 -25.93 24.14 6.53
CA LEU D 88 -26.11 22.75 6.92
C LEU D 88 -27.57 22.36 6.72
N TYR D 89 -27.78 21.14 6.28
CA TYR D 89 -29.13 20.62 6.03
C TYR D 89 -29.35 19.37 6.87
N TYR D 90 -30.49 19.30 7.54
CA TYR D 90 -30.86 18.16 8.35
C TYR D 90 -31.89 17.32 7.61
N SER D 91 -31.72 16.00 7.68
CA SER D 91 -32.70 15.04 7.17
C SER D 91 -33.59 14.62 8.33
N ILE D 92 -34.84 15.09 8.32
CA ILE D 92 -35.79 14.83 9.39
C ILE D 92 -36.76 13.76 8.91
N GLU D 93 -36.92 12.71 9.70
CA GLU D 93 -37.84 11.63 9.38
C GLU D 93 -39.12 11.78 10.18
N LYS D 94 -40.25 11.59 9.52
CA LYS D 94 -41.56 11.74 10.15
C LYS D 94 -42.54 10.81 9.46
N GLU D 95 -43.12 9.88 10.23
CA GLU D 95 -44.12 8.94 9.70
C GLU D 95 -43.54 8.13 8.54
N GLY D 96 -42.26 7.79 8.64
CA GLY D 96 -41.60 6.96 7.66
C GLY D 96 -40.87 7.72 6.57
N GLN D 97 -41.33 8.92 6.22
CA GLN D 97 -40.74 9.71 5.15
C GLN D 97 -39.73 10.69 5.72
N ARG D 98 -38.81 11.14 4.86
CA ARG D 98 -37.75 12.06 5.24
C ARG D 98 -37.80 13.29 4.36
N LYS D 99 -37.46 14.44 4.95
CA LYS D 99 -37.45 15.71 4.25
C LYS D 99 -36.26 16.54 4.74
N TRP D 100 -35.69 17.32 3.82
CA TRP D 100 -34.56 18.18 4.15
C TRP D 100 -35.03 19.50 4.73
N TYR D 101 -34.28 20.02 5.70
CA TYR D 101 -34.56 21.30 6.30
C TYR D 101 -33.25 22.06 6.50
N LYS D 102 -33.33 23.39 6.39
CA LYS D 102 -32.18 24.23 6.67
C LYS D 102 -31.89 24.25 8.17
N ARG D 103 -30.71 24.77 8.53
CA ARG D 103 -30.31 24.79 9.93
C ARG D 103 -31.32 25.58 10.77
N MET D 104 -31.65 26.80 10.34
CA MET D 104 -32.58 27.63 11.11
C MET D 104 -33.96 27.01 11.20
N ALA D 105 -34.32 26.13 10.26
CA ALA D 105 -35.63 25.48 10.29
C ALA D 105 -35.69 24.28 11.24
N VAL D 106 -34.63 24.04 12.01
CA VAL D 106 -34.60 22.95 12.98
C VAL D 106 -34.30 23.55 14.35
N ILE D 107 -35.23 23.35 15.28
CA ILE D 107 -35.14 23.88 16.63
C ILE D 107 -35.53 22.77 17.60
N LEU D 108 -35.48 23.09 18.90
CA LEU D 108 -35.79 22.14 19.95
C LEU D 108 -36.81 22.75 20.89
N SER D 109 -37.86 22.00 21.20
CA SER D 109 -38.78 22.41 22.25
C SER D 109 -38.09 22.30 23.61
N LEU D 110 -38.75 22.84 24.63
CA LEU D 110 -38.22 22.75 25.98
C LEU D 110 -37.93 21.30 26.36
N GLU D 111 -38.83 20.39 25.99
CA GLU D 111 -38.63 18.98 26.33
C GLU D 111 -37.50 18.37 25.50
N GLN D 112 -37.46 18.67 24.20
CA GLN D 112 -36.48 18.04 23.32
C GLN D 112 -35.06 18.47 23.66
N GLY D 113 -34.88 19.72 24.08
CA GLY D 113 -33.54 20.20 24.43
C GLY D 113 -33.10 19.78 25.81
N ASN D 114 -34.04 19.63 26.74
CA ASN D 114 -33.68 19.22 28.10
C ASN D 114 -33.04 17.84 28.12
N ARG D 115 -33.41 16.98 27.17
CA ARG D 115 -32.80 15.66 27.09
C ARG D 115 -31.31 15.72 26.80
N LEU D 116 -30.82 16.83 26.25
CA LEU D 116 -29.42 16.96 25.86
C LEU D 116 -28.59 17.76 26.86
N ARG D 117 -29.21 18.34 27.89
CA ARG D 117 -28.47 19.15 28.85
C ARG D 117 -27.40 18.33 29.56
N GLU D 118 -27.74 17.10 29.97
CA GLU D 118 -26.79 16.29 30.71
C GLU D 118 -25.50 16.09 29.95
N GLN D 119 -25.61 15.87 28.64
CA GLN D 119 -24.43 15.61 27.81
C GLN D 119 -23.86 16.87 27.18
N TYR D 120 -24.72 17.78 26.73
CA TYR D 120 -24.26 18.96 25.99
C TYR D 120 -24.47 20.27 26.73
N GLY D 121 -25.16 20.27 27.86
CA GLY D 121 -25.44 21.52 28.54
C GLY D 121 -24.17 22.20 29.04
N LEU D 122 -24.22 23.53 29.11
CA LEU D 122 -23.13 24.32 29.64
C LEU D 122 -23.48 24.95 30.99
N GLY D 123 -24.44 24.38 31.71
CA GLY D 123 -24.83 24.90 33.00
C GLY D 123 -23.72 24.85 34.02
#